data_7KNR
#
_entry.id   7KNR
#
_cell.length_a   89.173
_cell.length_b   89.173
_cell.length_c   131.846
_cell.angle_alpha   90.000
_cell.angle_beta   90.000
_cell.angle_gamma   90.000
#
_symmetry.space_group_name_H-M   'I 4 2 2'
#
loop_
_entity.id
_entity.type
_entity.pdbx_description
1 polymer 'Protein PA-X'
2 non-polymer 'MANGANESE (II) ION'
3 non-polymer 2-(2,6-difluorophenyl)-5-hydroxy-N-[2-(4-hydroxy-3-methoxyphenyl)ethyl]-6-oxo-3,6-dihydropyrimidine-4-carboxamide
4 non-polymer 'Hexa Vinylpyrrolidone K15'
5 non-polymer 'SULFATE ION'
6 water water
#
_entity_poly.entity_id   1
_entity_poly.type   'polypeptide(L)'
_entity_poly.pdbx_seq_one_letter_code
;MGSSHHHHHHSSGLVPRGSHMEDFVRQCFNPMIVELAEKAMKEYGEDPKIETNKFAATCTHLEVCFMYSDGGSKHRFEII
EGRDRIMAWTVVNSICNTTGVEKPKFLPDLYDYKENRFIEIGVTRREVHIYYLEKANKIKSEKTHIHIFSFTGEEMATKA
DYTLDEESRARIKTRLFTIRQEMASRSLWDSFRQSER
;
_entity_poly.pdbx_strand_id   A
#
loop_
_chem_comp.id
_chem_comp.type
_chem_comp.name
_chem_comp.formula
MN non-polymer 'MANGANESE (II) ION' 'Mn 2'
QQ4 non-polymer 'Hexa Vinylpyrrolidone K15' 'C36 H56 N6 O6'
SO4 non-polymer 'SULFATE ION' 'O4 S -2'
WTD non-polymer 2-(2,6-difluorophenyl)-5-hydroxy-N-[2-(4-hydroxy-3-methoxyphenyl)ethyl]-6-oxo-3,6-dihydropyrimidine-4-carboxamide 'C20 H17 F2 N3 O5'
#
# COMPACT_ATOMS: atom_id res chain seq x y z
N GLY A 18 -0.87 5.15 25.68
CA GLY A 18 -0.89 4.45 24.42
C GLY A 18 -1.31 3.00 24.55
N SER A 19 -1.24 2.27 23.44
CA SER A 19 -1.60 0.86 23.41
C SER A 19 -0.37 0.03 23.03
N HIS A 20 -0.51 -1.29 23.17
CA HIS A 20 0.59 -2.17 22.80
C HIS A 20 0.78 -2.23 21.29
N MET A 21 -0.31 -2.18 20.53
CA MET A 21 -0.19 -2.12 19.08
C MET A 21 0.58 -0.88 18.65
N GLU A 22 0.32 0.24 19.32
CA GLU A 22 0.93 1.50 18.93
C GLU A 22 2.42 1.50 19.23
N ASP A 23 2.82 0.96 20.39
CA ASP A 23 4.24 0.83 20.70
C ASP A 23 4.93 -0.09 19.72
N PHE A 24 4.26 -1.18 19.32
CA PHE A 24 4.83 -2.11 18.37
C PHE A 24 4.97 -1.46 16.99
N VAL A 25 3.94 -0.75 16.54
CA VAL A 25 4.02 -0.02 15.27
C VAL A 25 5.23 0.90 15.28
N ARG A 26 5.49 1.57 16.40
CA ARG A 26 6.56 2.56 16.46
C ARG A 26 7.93 1.91 16.45
N GLN A 27 8.05 0.69 16.99
CA GLN A 27 9.31 -0.04 16.96
C GLN A 27 9.46 -0.92 15.73
N CYS A 28 8.38 -1.13 14.98
CA CYS A 28 8.39 -1.98 13.79
C CYS A 28 8.72 -1.20 12.52
N PHE A 29 8.09 -0.04 12.34
CA PHE A 29 8.27 0.75 11.13
C PHE A 29 9.18 1.94 11.41
N ASN A 30 9.87 2.39 10.37
CA ASN A 30 10.79 3.47 10.56
C ASN A 30 10.03 4.74 10.92
N PRO A 31 10.67 5.68 11.62
CA PRO A 31 9.96 6.87 12.10
C PRO A 31 9.25 7.62 10.98
N MET A 32 9.87 7.68 9.80
CA MET A 32 9.30 8.46 8.71
C MET A 32 7.98 7.85 8.23
N ILE A 33 7.92 6.52 8.12
CA ILE A 33 6.67 5.87 7.73
C ILE A 33 5.60 6.09 8.78
N VAL A 34 5.97 6.05 10.06
CA VAL A 34 5.02 6.28 11.13
C VAL A 34 4.44 7.69 11.03
N GLU A 35 5.30 8.67 10.80
CA GLU A 35 4.84 10.05 10.67
C GLU A 35 3.87 10.20 9.50
N LEU A 36 4.18 9.58 8.36
CA LEU A 36 3.27 9.66 7.21
C LEU A 36 1.94 8.99 7.50
N ALA A 37 1.96 7.85 8.21
CA ALA A 37 0.71 7.18 8.54
C ALA A 37 -0.14 8.02 9.46
N GLU A 38 0.50 8.73 10.41
CA GLU A 38 -0.23 9.61 11.29
C GLU A 38 -0.87 10.76 10.52
N LYS A 39 -0.10 11.42 9.65
CA LYS A 39 -0.66 12.50 8.83
C LYS A 39 -1.80 11.97 7.96
N ALA A 40 -1.62 10.80 7.35
CA ALA A 40 -2.67 10.25 6.51
C ALA A 40 -3.95 9.99 7.30
N MET A 41 -3.81 9.44 8.51
CA MET A 41 -4.98 9.17 9.32
C MET A 41 -5.60 10.45 9.84
N LYS A 42 -4.79 11.37 10.35
CA LYS A 42 -5.33 12.63 10.86
C LYS A 42 -6.03 13.41 9.76
N GLU A 43 -5.55 13.33 8.52
CA GLU A 43 -6.20 14.00 7.41
C GLU A 43 -7.60 13.44 7.17
N TYR A 44 -7.84 12.19 7.52
CA TYR A 44 -9.15 11.57 7.37
C TYR A 44 -9.89 11.42 8.69
N GLY A 45 -9.52 12.21 9.70
CA GLY A 45 -10.28 12.29 10.93
C GLY A 45 -10.06 11.16 11.91
N GLU A 46 -9.11 10.26 11.66
CA GLU A 46 -8.86 9.13 12.55
C GLU A 46 -7.65 9.39 13.43
N ASP A 47 -7.58 8.67 14.55
CA ASP A 47 -6.52 8.85 15.53
C ASP A 47 -5.71 7.57 15.68
N PRO A 48 -4.41 7.60 15.38
CA PRO A 48 -3.59 6.39 15.54
C PRO A 48 -3.55 5.86 16.96
N LYS A 49 -3.77 6.72 17.96
CA LYS A 49 -3.70 6.29 19.35
C LYS A 49 -4.87 5.39 19.72
N ILE A 50 -5.97 5.45 18.96
CA ILE A 50 -7.15 4.63 19.20
C ILE A 50 -7.35 3.61 18.09
N GLU A 51 -7.30 4.05 16.83
CA GLU A 51 -7.42 3.16 15.67
C GLU A 51 -6.06 2.53 15.39
N THR A 52 -5.61 1.73 16.35
CA THR A 52 -4.26 1.20 16.30
C THR A 52 -4.09 0.09 15.26
N ASN A 53 -5.11 -0.74 15.05
CA ASN A 53 -5.04 -1.72 13.98
C ASN A 53 -4.93 -1.05 12.62
N LYS A 54 -5.75 -0.01 12.38
CA LYS A 54 -5.64 0.72 11.13
C LYS A 54 -4.32 1.47 11.03
N PHE A 55 -3.77 1.88 12.18
CA PHE A 55 -2.44 2.48 12.20
C PHE A 55 -1.40 1.51 11.64
N ALA A 56 -1.41 0.27 12.14
CA ALA A 56 -0.46 -0.72 11.63
C ALA A 56 -0.68 -1.01 10.15
N ALA A 57 -1.94 -1.11 9.72
CA ALA A 57 -2.25 -1.35 8.32
C ALA A 57 -1.75 -0.21 7.43
N THR A 58 -2.04 1.04 7.81
CA THR A 58 -1.57 2.17 7.01
C THR A 58 -0.06 2.17 6.92
N CYS A 59 0.64 1.93 8.03
CA CYS A 59 2.09 1.85 8.01
C CYS A 59 2.55 0.76 7.06
N THR A 60 1.94 -0.43 7.18
CA THR A 60 2.27 -1.56 6.32
C THR A 60 2.08 -1.20 4.85
N HIS A 61 0.90 -0.67 4.52
CA HIS A 61 0.64 -0.28 3.14
C HIS A 61 1.64 0.78 2.66
N LEU A 62 2.04 1.69 3.55
CA LEU A 62 3.04 2.69 3.19
C LEU A 62 4.38 2.04 2.85
N GLU A 63 4.85 1.14 3.74
CA GLU A 63 6.16 0.51 3.51
C GLU A 63 6.17 -0.30 2.22
N VAL A 64 5.08 -1.02 1.95
CA VAL A 64 5.02 -1.82 0.72
C VAL A 64 5.12 -0.92 -0.49
N CYS A 65 4.28 0.12 -0.52
CA CYS A 65 4.38 1.13 -1.57
C CYS A 65 5.82 1.62 -1.76
N PHE A 66 6.55 1.85 -0.67
CA PHE A 66 7.90 2.39 -0.81
C PHE A 66 8.91 1.35 -1.29
N MET A 67 8.83 0.11 -0.77
CA MET A 67 9.70 -0.93 -1.33
C MET A 67 9.36 -1.19 -2.79
N TYR A 68 8.07 -1.15 -3.13
CA TYR A 68 7.65 -1.30 -4.52
C TYR A 68 8.34 -0.27 -5.41
N SER A 69 8.15 1.02 -5.11
CA SER A 69 8.82 2.04 -5.92
C SER A 69 10.32 1.85 -5.89
N ASP A 70 10.86 1.33 -4.78
CA ASP A 70 12.29 1.07 -4.68
C ASP A 70 12.73 -0.04 -5.62
N GLY A 71 11.82 -0.94 -6.00
CA GLY A 71 12.12 -1.87 -7.07
C GLY A 71 12.06 -1.19 -8.42
N GLY A 72 12.88 -1.68 -9.34
CA GLY A 72 12.93 -1.07 -10.67
C GLY A 72 13.90 0.09 -10.75
N SER A 73 13.83 0.79 -11.89
CA SER A 73 14.80 1.82 -12.24
C SER A 73 14.55 3.09 -11.44
N LYS A 74 15.49 4.04 -11.57
CA LYS A 74 15.52 5.23 -10.74
C LYS A 74 14.31 6.13 -10.99
N HIS A 75 14.01 6.41 -12.26
CA HIS A 75 12.91 7.29 -12.62
C HIS A 75 11.66 6.52 -13.01
N ARG A 76 11.53 5.28 -12.54
CA ARG A 76 10.47 4.43 -13.08
C ARG A 76 9.10 4.83 -12.53
N PHE A 77 9.02 5.06 -11.24
CA PHE A 77 7.73 5.29 -10.58
C PHE A 77 7.61 6.73 -10.11
N GLU A 78 6.37 7.18 -10.04
CA GLU A 78 5.98 8.41 -9.36
C GLU A 78 5.16 7.99 -8.15
N ILE A 79 5.63 8.31 -6.96
CA ILE A 79 4.98 7.88 -5.71
C ILE A 79 3.80 8.81 -5.44
N ILE A 80 2.60 8.25 -5.47
CA ILE A 80 1.39 9.02 -5.17
C ILE A 80 1.00 8.90 -3.71
N GLU A 81 1.05 7.67 -3.19
CA GLU A 81 0.76 7.45 -1.79
C GLU A 81 1.80 8.16 -0.93
N GLY A 82 1.39 8.60 0.26
CA GLY A 82 2.28 9.30 1.15
C GLY A 82 2.32 10.80 0.97
N ARG A 83 1.54 11.33 0.04
CA ARG A 83 1.32 12.77 -0.06
C ARG A 83 -0.06 13.10 0.50
N ASP A 84 -0.24 14.37 0.84
CA ASP A 84 -1.57 14.83 1.25
C ASP A 84 -2.51 14.81 0.07
N ARG A 85 -3.79 14.52 0.35
CA ARG A 85 -4.78 14.31 -0.69
C ARG A 85 -4.64 15.32 -1.83
N ILE A 86 -4.49 16.61 -1.49
CA ILE A 86 -4.52 17.67 -2.49
C ILE A 86 -3.30 17.58 -3.41
N MET A 87 -2.12 17.38 -2.82
CA MET A 87 -0.91 17.30 -3.62
C MET A 87 -0.89 16.02 -4.48
N ALA A 88 -1.37 14.91 -3.92
CA ALA A 88 -1.42 13.67 -4.70
C ALA A 88 -2.27 13.85 -5.95
N TRP A 89 -3.42 14.51 -5.82
CA TRP A 89 -4.27 14.73 -6.98
C TRP A 89 -3.64 15.70 -7.96
N THR A 90 -2.75 16.56 -7.48
CA THR A 90 -2.06 17.47 -8.39
C THR A 90 -1.07 16.71 -9.24
N VAL A 91 -0.26 15.87 -8.62
CA VAL A 91 0.67 15.03 -9.38
C VAL A 91 -0.10 14.12 -10.33
N VAL A 92 -1.20 13.52 -9.86
CA VAL A 92 -2.02 12.67 -10.73
C VAL A 92 -2.52 13.46 -11.92
N ASN A 93 -3.00 14.69 -11.69
CA ASN A 93 -3.43 15.54 -12.78
C ASN A 93 -2.29 15.78 -13.77
N SER A 94 -1.10 16.06 -13.26
CA SER A 94 0.05 16.32 -14.13
C SER A 94 0.38 15.10 -14.97
N ILE A 95 0.33 13.91 -14.35
CA ILE A 95 0.64 12.68 -15.09
C ILE A 95 -0.37 12.47 -16.21
N CYS A 96 -1.64 12.66 -15.91
CA CYS A 96 -2.66 12.49 -16.94
C CYS A 96 -2.49 13.52 -18.05
N ASN A 97 -2.22 14.77 -17.69
CA ASN A 97 -2.09 15.79 -18.73
C ASN A 97 -0.78 15.69 -19.48
N THR A 98 0.14 14.85 -19.02
CA THR A 98 1.42 14.64 -19.66
C THR A 98 1.41 13.42 -20.57
N THR A 99 0.86 12.31 -20.09
CA THR A 99 0.83 11.06 -20.83
C THR A 99 -0.46 10.85 -21.61
N GLY A 100 -1.57 11.44 -21.17
CA GLY A 100 -2.85 11.21 -21.79
C GLY A 100 -3.66 10.10 -21.17
N VAL A 101 -3.12 9.43 -20.15
CA VAL A 101 -3.86 8.40 -19.42
C VAL A 101 -5.10 9.03 -18.80
N GLU A 102 -6.20 8.28 -18.79
CA GLU A 102 -7.44 8.79 -18.21
C GLU A 102 -7.29 8.99 -16.70
N LYS A 103 -7.90 10.06 -16.20
CA LYS A 103 -7.81 10.41 -14.78
C LYS A 103 -8.58 9.40 -13.94
N PRO A 104 -7.93 8.66 -13.04
CA PRO A 104 -8.66 7.64 -12.26
C PRO A 104 -9.70 8.25 -11.33
N LYS A 105 -10.72 7.45 -11.02
CA LYS A 105 -11.77 7.91 -10.11
C LYS A 105 -11.28 7.98 -8.67
N PHE A 106 -10.40 7.06 -8.29
CA PHE A 106 -9.88 6.98 -6.93
C PHE A 106 -8.38 7.13 -6.96
N LEU A 107 -7.84 7.83 -5.97
CA LEU A 107 -6.41 8.10 -5.87
C LEU A 107 -5.62 6.80 -5.87
N PRO A 108 -4.74 6.59 -6.84
CA PRO A 108 -3.91 5.37 -6.83
C PRO A 108 -2.69 5.55 -5.95
N ASP A 109 -1.80 4.55 -5.99
CA ASP A 109 -0.60 4.52 -5.15
C ASP A 109 0.66 4.91 -5.90
N LEU A 110 0.78 4.53 -7.17
CA LEU A 110 1.97 4.83 -7.94
C LEU A 110 1.56 5.14 -9.37
N TYR A 111 2.52 5.59 -10.15
CA TYR A 111 2.39 5.63 -11.59
C TYR A 111 3.65 4.99 -12.17
N ASP A 112 3.48 4.13 -13.17
CA ASP A 112 4.60 3.46 -13.81
C ASP A 112 4.94 4.22 -15.08
N TYR A 113 6.04 4.97 -15.06
CA TYR A 113 6.46 5.67 -16.27
C TYR A 113 6.93 4.70 -17.34
N LYS A 114 7.33 3.49 -16.95
CA LYS A 114 7.77 2.51 -17.93
C LYS A 114 6.59 1.84 -18.61
N GLU A 115 5.55 1.49 -17.84
CA GLU A 115 4.36 0.85 -18.39
C GLU A 115 3.23 1.82 -18.70
N ASN A 116 3.38 3.09 -18.33
CA ASN A 116 2.38 4.13 -18.61
C ASN A 116 1.02 3.78 -18.03
N ARG A 117 1.01 3.36 -16.76
CA ARG A 117 -0.23 3.02 -16.09
C ARG A 117 -0.10 3.32 -14.60
N PHE A 118 -1.23 3.73 -14.00
CA PHE A 118 -1.31 3.88 -12.56
C PHE A 118 -1.41 2.52 -11.88
N ILE A 119 -0.87 2.44 -10.66
CA ILE A 119 -0.83 1.19 -9.91
C ILE A 119 -1.55 1.40 -8.58
N GLU A 120 -2.43 0.47 -8.24
CA GLU A 120 -3.05 0.42 -6.93
C GLU A 120 -2.47 -0.77 -6.16
N ILE A 121 -1.83 -0.48 -5.04
CA ILE A 121 -1.18 -1.50 -4.23
C ILE A 121 -2.12 -1.88 -3.08
N GLY A 122 -2.37 -3.17 -2.93
CA GLY A 122 -3.21 -3.66 -1.85
C GLY A 122 -2.43 -4.59 -0.94
N VAL A 123 -2.73 -4.53 0.35
CA VAL A 123 -2.16 -5.44 1.33
C VAL A 123 -3.32 -5.99 2.15
N THR A 124 -3.43 -7.31 2.22
CA THR A 124 -4.60 -7.98 2.74
C THR A 124 -4.23 -9.02 3.79
N ARG A 125 -5.16 -9.25 4.70
CA ARG A 125 -5.07 -10.33 5.66
C ARG A 125 -6.01 -11.48 5.31
N ARG A 126 -6.72 -11.40 4.18
CA ARG A 126 -7.54 -12.46 3.63
C ARG A 126 -6.90 -13.00 2.35
N GLU A 127 -7.65 -13.81 1.61
CA GLU A 127 -7.17 -14.32 0.34
C GLU A 127 -7.03 -13.17 -0.66
N VAL A 128 -5.88 -13.11 -1.33
CA VAL A 128 -5.65 -12.09 -2.35
C VAL A 128 -6.77 -12.10 -3.38
N HIS A 129 -7.42 -13.25 -3.55
CA HIS A 129 -8.56 -13.37 -4.45
C HIS A 129 -9.68 -12.42 -4.04
N ILE A 130 -10.08 -12.47 -2.78
CA ILE A 130 -11.15 -11.62 -2.29
C ILE A 130 -10.80 -10.13 -2.43
N TYR A 131 -9.58 -9.73 -2.05
CA TYR A 131 -9.24 -8.30 -2.07
C TYR A 131 -9.25 -7.77 -3.50
N TYR A 132 -8.59 -8.48 -4.42
CA TYR A 132 -8.49 -7.97 -5.79
C TYR A 132 -9.88 -7.74 -6.38
N LEU A 133 -10.81 -8.68 -6.15
CA LEU A 133 -12.18 -8.47 -6.59
C LEU A 133 -12.77 -7.20 -5.99
N GLU A 134 -12.51 -6.98 -4.71
CA GLU A 134 -13.02 -5.77 -4.06
C GLU A 134 -12.37 -4.51 -4.65
N LYS A 135 -11.11 -4.58 -5.08
CA LYS A 135 -10.49 -3.41 -5.70
C LYS A 135 -10.91 -3.24 -7.15
N ALA A 136 -10.85 -4.31 -7.94
CA ALA A 136 -11.22 -4.20 -9.35
C ALA A 136 -12.66 -3.76 -9.53
N ASN A 137 -13.52 -4.08 -8.55
CA ASN A 137 -14.90 -3.64 -8.65
C ASN A 137 -15.02 -2.15 -8.38
N LYS A 138 -14.22 -1.64 -7.45
CA LYS A 138 -14.25 -0.22 -7.15
C LYS A 138 -13.63 0.61 -8.26
N ILE A 139 -12.50 0.14 -8.81
CA ILE A 139 -11.75 0.95 -9.77
C ILE A 139 -12.56 1.14 -11.06
N LYS A 140 -13.04 0.04 -11.64
CA LYS A 140 -13.77 0.06 -12.90
C LYS A 140 -12.91 0.58 -14.06
N SER A 141 -12.19 1.69 -13.83
CA SER A 141 -11.20 2.19 -14.78
C SER A 141 -10.14 1.13 -15.03
N GLU A 142 -10.36 0.27 -16.03
CA GLU A 142 -9.49 -0.88 -16.27
C GLU A 142 -8.05 -0.47 -16.57
N LYS A 143 -7.79 0.82 -16.85
CA LYS A 143 -6.43 1.24 -17.12
C LYS A 143 -5.54 1.11 -15.88
N THR A 144 -6.10 1.34 -14.69
CA THR A 144 -5.32 1.30 -13.46
C THR A 144 -4.92 -0.13 -13.12
N HIS A 145 -3.62 -0.40 -13.09
CA HIS A 145 -3.12 -1.70 -12.68
C HIS A 145 -3.37 -1.95 -11.19
N ILE A 146 -3.67 -3.20 -10.84
CA ILE A 146 -3.85 -3.59 -9.45
C ILE A 146 -2.83 -4.67 -9.12
N HIS A 147 -2.19 -4.55 -7.96
CA HIS A 147 -1.22 -5.51 -7.47
C HIS A 147 -1.46 -5.73 -5.98
N ILE A 148 -1.86 -6.94 -5.62
CA ILE A 148 -2.25 -7.29 -4.26
C ILE A 148 -1.17 -8.16 -3.65
N PHE A 149 -0.77 -7.83 -2.42
CA PHE A 149 0.08 -8.69 -1.61
C PHE A 149 -0.70 -9.13 -0.37
N SER A 150 -0.39 -10.33 0.12
CA SER A 150 -0.99 -10.85 1.34
C SER A 150 0.08 -11.07 2.40
N PHE A 151 -0.36 -11.15 3.65
CA PHE A 151 0.53 -11.43 4.77
C PHE A 151 0.96 -12.89 4.83
N THR A 152 0.44 -13.74 3.94
CA THR A 152 0.85 -15.13 3.88
C THR A 152 1.83 -15.38 2.74
N GLY A 153 2.14 -14.37 1.93
CA GLY A 153 3.11 -14.49 0.87
C GLY A 153 2.53 -14.64 -0.52
N GLU A 154 1.21 -14.62 -0.66
CA GLU A 154 0.62 -14.68 -1.98
C GLU A 154 0.62 -13.30 -2.62
N GLU A 155 0.54 -13.28 -3.94
CA GLU A 155 0.41 -12.03 -4.66
C GLU A 155 -0.45 -12.26 -5.89
N MET A 156 -1.06 -11.17 -6.38
CA MET A 156 -1.95 -11.24 -7.52
C MET A 156 -1.96 -9.88 -8.21
N ALA A 157 -1.72 -9.88 -9.52
CA ALA A 157 -1.64 -8.63 -10.27
C ALA A 157 -2.41 -8.72 -11.57
N THR A 158 -2.94 -7.57 -12.00
CA THR A 158 -3.67 -7.49 -13.25
C THR A 158 -2.88 -8.10 -14.40
N LYS A 159 -3.56 -8.89 -15.23
CA LYS A 159 -2.97 -9.55 -16.39
C LYS A 159 -1.81 -10.48 -16.00
N ALA A 160 -1.71 -10.87 -14.73
CA ALA A 160 -0.53 -11.54 -14.21
C ALA A 160 0.75 -10.79 -14.57
N ASP A 161 0.62 -9.49 -14.80
CA ASP A 161 1.76 -8.60 -15.04
C ASP A 161 2.16 -8.04 -13.69
N TYR A 162 3.21 -8.62 -13.11
CA TYR A 162 3.65 -8.27 -11.76
C TYR A 162 4.65 -7.13 -11.75
N THR A 163 4.80 -6.43 -12.88
CA THR A 163 5.54 -5.16 -12.96
C THR A 163 7.01 -5.31 -12.58
N LEU A 164 7.29 -5.68 -11.33
CA LEU A 164 8.66 -5.78 -10.86
C LEU A 164 9.22 -7.19 -11.06
N ASP A 165 10.51 -7.33 -10.86
CA ASP A 165 11.15 -8.64 -10.87
C ASP A 165 10.74 -9.44 -9.64
N GLU A 166 10.96 -10.75 -9.72
CA GLU A 166 10.58 -11.64 -8.61
C GLU A 166 11.30 -11.26 -7.32
N GLU A 167 12.57 -10.86 -7.41
CA GLU A 167 13.36 -10.57 -6.21
C GLU A 167 12.80 -9.38 -5.44
N SER A 168 12.35 -8.32 -6.14
CA SER A 168 11.76 -7.18 -5.45
C SER A 168 10.43 -7.56 -4.81
N ARG A 169 9.64 -8.41 -5.47
CA ARG A 169 8.38 -8.82 -4.88
C ARG A 169 8.62 -9.78 -3.72
N ALA A 170 9.63 -10.64 -3.81
CA ALA A 170 9.93 -11.58 -2.74
C ALA A 170 10.34 -10.86 -1.46
N ARG A 171 11.08 -9.75 -1.58
CA ARG A 171 11.42 -8.94 -0.42
C ARG A 171 10.17 -8.38 0.26
N ILE A 172 9.21 -7.89 -0.54
CA ILE A 172 7.95 -7.40 0.03
C ILE A 172 7.22 -8.54 0.74
N LYS A 173 7.15 -9.71 0.12
CA LYS A 173 6.45 -10.83 0.75
C LYS A 173 7.14 -11.23 2.05
N THR A 174 8.47 -11.29 2.04
CA THR A 174 9.22 -11.60 3.26
C THR A 174 8.94 -10.59 4.37
N ARG A 175 9.02 -9.30 4.05
CA ARG A 175 8.77 -8.29 5.06
C ARG A 175 7.37 -8.47 5.66
N LEU A 176 6.37 -8.69 4.81
CA LEU A 176 5.00 -8.85 5.28
C LEU A 176 4.88 -10.02 6.25
N PHE A 177 5.55 -11.14 5.98
CA PHE A 177 5.47 -12.26 6.91
C PHE A 177 6.22 -11.96 8.20
N THR A 178 7.29 -11.16 8.14
CA THR A 178 7.97 -10.76 9.36
C THR A 178 7.06 -9.92 10.25
N ILE A 179 6.33 -8.97 9.66
CA ILE A 179 5.38 -8.18 10.44
C ILE A 179 4.30 -9.07 11.04
N ARG A 180 3.84 -10.07 10.28
CA ARG A 180 2.86 -11.02 10.82
C ARG A 180 3.41 -11.75 12.04
N GLN A 181 4.65 -12.21 11.96
CA GLN A 181 5.24 -12.95 13.09
C GLN A 181 5.40 -12.05 14.32
N GLU A 182 5.89 -10.83 14.13
CA GLU A 182 6.09 -9.95 15.28
C GLU A 182 4.77 -9.62 15.96
N MET A 183 3.72 -9.34 15.17
CA MET A 183 2.41 -9.09 15.76
C MET A 183 1.92 -10.29 16.54
N ALA A 184 2.11 -11.49 16.00
CA ALA A 184 1.67 -12.70 16.69
C ALA A 184 2.46 -12.90 17.98
N SER A 185 3.77 -12.66 17.94
CA SER A 185 4.59 -12.81 19.15
C SER A 185 4.05 -11.92 20.28
N ARG A 186 3.42 -10.80 19.93
CA ARG A 186 2.81 -9.91 20.90
C ARG A 186 1.32 -10.17 21.08
N SER A 187 0.80 -11.25 20.49
CA SER A 187 -0.62 -11.59 20.55
C SER A 187 -1.50 -10.48 19.98
N LEU A 188 -0.96 -9.73 19.03
CA LEU A 188 -1.70 -8.67 18.35
C LEU A 188 -2.19 -9.08 16.98
N TRP A 189 -1.71 -10.22 16.46
CA TRP A 189 -2.02 -10.57 15.07
C TRP A 189 -3.48 -10.94 14.91
N ASP A 190 -4.03 -11.69 15.85
CA ASP A 190 -5.43 -12.09 15.73
C ASP A 190 -6.34 -10.87 15.68
N SER A 191 -6.14 -9.92 16.59
CA SER A 191 -6.97 -8.71 16.55
C SER A 191 -6.73 -7.93 15.26
N PHE A 192 -5.50 -7.93 14.76
CA PHE A 192 -5.18 -7.25 13.50
C PHE A 192 -5.84 -7.94 12.33
N ARG A 193 -5.82 -9.28 12.31
CA ARG A 193 -6.44 -10.04 11.23
C ARG A 193 -7.95 -9.86 11.23
N GLN A 194 -8.59 -10.12 12.37
CA GLN A 194 -10.05 -10.00 12.48
C GLN A 194 -10.44 -8.53 12.62
N SER A 195 -9.84 -7.67 11.80
CA SER A 195 -10.17 -6.26 11.80
C SER A 195 -10.29 -5.65 10.42
N GLU A 196 -9.74 -6.27 9.39
CA GLU A 196 -9.84 -5.73 8.04
C GLU A 196 -11.29 -5.70 7.57
MN MN B . -3.27 0.97 -2.05
MN MN C . -3.54 4.63 -1.70
C01 WTD D . -10.47 5.70 3.46
C03 WTD D . -8.32 5.63 4.46
C04 WTD D . -7.19 5.90 3.69
C05 WTD D . -6.12 6.60 4.25
C06 WTD D . -4.89 6.90 3.41
C07 WTD D . -4.53 5.73 2.50
C09 WTD D . -5.50 4.97 0.25
C11 WTD D . -5.49 3.49 0.61
C12 WTD D . -4.88 2.47 -0.30
C14 WTD D . -4.87 1.02 0.05
C17 WTD D . -6.04 1.59 2.20
C19 WTD D . -6.64 1.13 3.49
C20 WTD D . -5.81 0.80 4.54
C22 WTD D . -6.36 0.37 5.74
C23 WTD D . -7.75 0.29 5.86
C24 WTD D . -8.58 0.63 4.79
C25 WTD D . -8.02 1.05 3.61
C27 WTD D . -6.19 7.02 5.57
C28 WTD D . -7.31 6.75 6.34
C29 WTD D . -8.37 6.06 5.78
F21 WTD D . -4.45 0.90 4.37
F26 WTD D . -8.80 1.40 2.53
N08 WTD D . -5.04 6.01 1.17
N16 WTD D . -5.44 0.59 1.30
N18 WTD D . -6.06 3.04 1.85
O02 WTD D . -9.40 4.92 3.91
O10 WTD D . -5.92 5.32 -0.81
O13 WTD D . -4.32 2.88 -1.52
O15 WTD D . -4.39 0.22 -0.68
O30 WTD D . -9.51 5.79 6.56
C11 QQ4 E . 15.95 6.34 0.06
C10 QQ4 E . 10.71 12.46 -1.36
C01 QQ4 E . 14.84 5.51 0.68
C02 QQ4 E . 13.74 6.45 1.19
C03 QQ4 E . 12.36 5.95 0.76
C04 QQ4 E . 11.30 7.00 1.16
C05 QQ4 E . 10.66 7.71 -0.04
C06 QQ4 E . 9.68 8.75 0.53
C07 QQ4 E . 9.67 10.13 -0.14
C08 QQ4 E . 10.24 11.19 0.80
C09 QQ4 E . 10.52 12.56 0.15
C22 QQ4 E . 15.88 3.32 1.58
C23 QQ4 E . 15.53 5.02 3.19
C24 QQ4 E . 16.15 3.83 3.91
C25 QQ4 E . 16.77 3.03 2.77
C26 QQ4 E . 11.94 3.40 0.67
C27 QQ4 E . 12.11 2.28 1.70
C28 QQ4 E . 11.71 2.93 3.02
C29 QQ4 E . 11.96 4.42 2.81
C30 QQ4 E . 12.78 9.14 -0.57
C31 QQ4 E . 13.56 9.46 -1.85
C32 QQ4 E . 12.57 9.18 -2.95
C33 QQ4 E . 11.72 8.04 -2.39
C34 QQ4 E . 7.26 10.70 0.67
C35 QQ4 E . 5.92 10.57 -0.06
C36 QQ4 E . 6.20 10.92 -1.49
C37 QQ4 E . 7.64 10.57 -1.69
C38 QQ4 E . 8.74 14.33 -0.53
C39 QQ4 E . 9.04 13.95 1.79
C40 QQ4 E . 7.96 15.03 1.63
C41 QQ4 E . 8.18 15.54 0.22
N03 QQ4 E . 15.38 4.68 1.76
N04 QQ4 E . 12.09 4.67 1.38
N05 QQ4 E . 11.65 8.27 -0.94
N06 QQ4 E . 8.28 10.45 -0.38
N07 QQ4 E . 9.49 13.55 0.45
O02 QQ4 E . 15.24 6.05 3.72
O03 QQ4 E . 12.04 5.22 3.68
O04 QQ4 E . 13.04 9.53 0.52
O06 QQ4 E . 8.18 10.42 -2.74
O07 QQ4 E . 9.44 13.52 2.81
S SO4 F . -6.80 24.34 -1.41
O1 SO4 F . -6.38 24.59 -0.03
O2 SO4 F . -7.50 25.52 -1.91
O3 SO4 F . -7.71 23.19 -1.41
O4 SO4 F . -5.64 24.05 -2.25
S SO4 G . 13.14 -2.00 -14.28
O1 SO4 G . 14.55 -1.74 -13.98
O2 SO4 G . 12.33 -0.83 -13.93
O3 SO4 G . 13.01 -2.28 -15.71
O4 SO4 G . 12.69 -3.15 -13.50
S SO4 H . -8.88 -0.44 15.10
O1 SO4 H . -7.75 -0.76 15.97
O2 SO4 H . -9.86 0.32 15.87
O3 SO4 H . -8.42 0.38 13.98
O4 SO4 H . -9.50 -1.66 14.60
#